data_4MHD
#
_entry.id   4MHD
#
_cell.length_a   73.453
_cell.length_b   136.012
_cell.length_c   139.831
_cell.angle_alpha   90.00
_cell.angle_beta   90.00
_cell.angle_gamma   90.00
#
_symmetry.space_group_name_H-M   'I 2 2 2'
#
loop_
_entity.id
_entity.type
_entity.pdbx_description
1 polymer 'Spermidine n1-acetyltransferase'
2 non-polymer SPERMIDINE
3 water water
#
_entity_poly.entity_id   1
_entity_poly.type   'polypeptide(L)'
_entity_poly.pdbx_seq_one_letter_code
;MHHHHHHSSGVDLGTENLYFQSNAMNSQLTLRALERGDLRFIHNLNNNRNIMSYWFEEPYESFDELEELYNKHIHDNAER
RFVVEDAQKNLIGLVELIEINYIHRSAEFQIIIAPEHQGKGFARTLINRALDYSFTILNLHKIYLHVAVENPKAVHLYEE
CGFVEEGHLVEEFFINGRYQDVKRMYILQSKYLNRSE
;
_entity_poly.pdbx_strand_id   A,B,C
#
loop_
_chem_comp.id
_chem_comp.type
_chem_comp.name
_chem_comp.formula
SPD non-polymer SPERMIDINE 'C7 H19 N3'
#
# COMPACT_ATOMS: atom_id res chain seq x y z
N ASN A 26 11.79 36.89 15.22
CA ASN A 26 12.43 38.22 14.91
C ASN A 26 13.47 38.14 13.79
N SER A 27 14.25 39.22 13.63
CA SER A 27 15.32 39.32 12.64
C SER A 27 16.37 38.21 12.76
N GLN A 28 16.67 37.82 14.00
CA GLN A 28 17.71 36.82 14.27
C GLN A 28 17.35 35.36 13.89
N LEU A 29 16.18 35.11 13.31
CA LEU A 29 15.86 33.70 12.89
C LEU A 29 16.21 33.44 11.43
N THR A 30 16.90 32.34 11.19
CA THR A 30 17.29 31.98 9.84
C THR A 30 17.01 30.53 9.44
N LEU A 31 16.87 30.33 8.13
CA LEU A 31 16.69 29.01 7.57
C LEU A 31 17.91 28.72 6.77
N ARG A 32 18.55 27.60 7.08
CA ARG A 32 19.66 27.07 6.28
C ARG A 32 19.35 25.54 6.03
N ALA A 33 19.96 25.00 5.00
CA ALA A 33 19.80 23.59 4.62
C ALA A 33 20.19 22.64 5.70
N LEU A 34 19.47 21.52 5.79
CA LEU A 34 19.78 20.48 6.72
C LEU A 34 21.13 19.90 6.34
N GLU A 35 21.99 19.64 7.33
CA GLU A 35 23.30 19.01 7.14
C GLU A 35 23.38 17.78 8.05
N ARG A 36 24.35 16.93 7.74
CA ARG A 36 24.60 15.72 8.49
C ARG A 36 24.80 16.05 9.97
N GLY A 37 25.54 17.10 10.28
CA GLY A 37 25.80 17.44 11.69
C GLY A 37 24.55 17.80 12.49
N ASP A 38 23.45 18.04 11.82
CA ASP A 38 22.24 18.43 12.49
C ASP A 38 21.39 17.23 12.79
N LEU A 39 21.80 16.04 12.34
CA LEU A 39 20.92 14.84 12.47
C LEU A 39 20.63 14.37 13.87
N ARG A 40 21.54 14.57 14.82
CA ARG A 40 21.28 14.26 16.24
C ARG A 40 20.12 15.06 16.81
N PHE A 41 19.99 16.32 16.39
CA PHE A 41 18.86 17.21 16.80
C PHE A 41 17.58 16.69 16.12
N ILE A 42 17.65 16.39 14.84
CA ILE A 42 16.47 15.82 14.13
C ILE A 42 16.03 14.54 14.82
N HIS A 43 16.96 13.62 15.01
CA HIS A 43 16.67 12.33 15.66
C HIS A 43 15.99 12.51 16.97
N ASN A 44 16.49 13.47 17.74
CA ASN A 44 15.95 13.66 19.06
C ASN A 44 14.48 14.08 19.01
N LEU A 45 14.12 14.90 18.02
CA LEU A 45 12.73 15.32 17.78
C LEU A 45 11.89 14.15 17.25
N ASN A 46 12.45 13.43 16.28
CA ASN A 46 11.75 12.29 15.63
C ASN A 46 11.43 11.14 16.55
N ASN A 47 12.11 11.08 17.69
CA ASN A 47 11.82 10.04 18.65
C ASN A 47 11.06 10.62 19.81
N ASN A 48 10.36 11.73 19.57
CA ASN A 48 9.52 12.36 20.58
C ASN A 48 8.05 12.34 20.04
N ARG A 49 7.19 11.49 20.60
CA ARG A 49 5.83 11.34 20.02
C ARG A 49 4.98 12.60 20.06
N ASN A 50 5.15 13.46 21.06
CA ASN A 50 4.38 14.69 21.09
C ASN A 50 4.78 15.51 19.87
N ILE A 51 6.07 15.66 19.63
CA ILE A 51 6.52 16.36 18.39
C ILE A 51 6.07 15.69 17.05
N MET A 52 6.23 14.37 16.87
CA MET A 52 5.86 13.72 15.58
C MET A 52 4.35 13.57 15.26
N SER A 53 3.53 13.53 16.29
CA SER A 53 2.09 13.56 16.04
C SER A 53 1.74 14.73 15.09
N TYR A 54 2.37 15.92 15.22
CA TYR A 54 2.05 17.08 14.33
C TYR A 54 2.45 16.86 12.86
N TRP A 55 3.24 15.84 12.60
CA TRP A 55 3.58 15.52 11.25
C TRP A 55 2.92 14.18 10.84
N PHE A 56 2.08 13.63 11.73
CA PHE A 56 1.31 12.39 11.47
C PHE A 56 2.28 11.26 11.13
N GLU A 57 3.39 11.27 11.85
CA GLU A 57 4.50 10.38 11.59
C GLU A 57 4.76 9.53 12.83
N GLU A 58 5.22 8.32 12.60
CA GLU A 58 5.55 7.41 13.68
C GLU A 58 6.82 7.90 14.40
N PRO A 59 6.83 8.01 15.75
CA PRO A 59 7.96 8.42 16.64
C PRO A 59 9.00 7.29 16.99
N TYR A 60 9.51 6.71 15.96
CA TYR A 60 10.50 5.66 16.10
C TYR A 60 11.42 5.81 14.90
N GLU A 61 12.67 6.16 15.14
CA GLU A 61 13.51 6.10 14.04
C GLU A 61 14.87 5.96 14.57
N SER A 62 15.44 4.87 14.16
CA SER A 62 16.78 4.64 14.51
C SER A 62 17.62 5.76 13.92
N PHE A 63 18.76 6.02 14.54
CA PHE A 63 19.58 7.09 14.01
C PHE A 63 20.03 6.67 12.62
N ASP A 64 20.27 5.36 12.46
CA ASP A 64 20.76 4.82 11.20
C ASP A 64 19.76 4.86 10.10
N GLU A 65 18.49 4.84 10.48
CA GLU A 65 17.45 4.88 9.48
C GLU A 65 17.41 6.29 8.94
N LEU A 66 17.48 7.22 9.87
CA LEU A 66 17.43 8.62 9.60
C LEU A 66 18.61 9.00 8.80
N GLU A 67 19.79 8.54 9.16
CA GLU A 67 20.96 8.97 8.38
C GLU A 67 21.03 8.39 6.97
N GLU A 68 20.63 7.13 6.85
CA GLU A 68 20.61 6.43 5.55
C GLU A 68 19.58 7.01 4.63
N LEU A 69 18.42 7.40 5.17
CA LEU A 69 17.42 8.14 4.34
C LEU A 69 17.94 9.53 3.98
N TYR A 70 18.71 10.18 4.87
CA TYR A 70 19.28 11.49 4.52
C TYR A 70 20.24 11.32 3.33
N ASN A 71 21.12 10.35 3.44
CA ASN A 71 22.04 9.99 2.33
C ASN A 71 21.34 9.69 1.04
N LYS A 72 20.24 8.99 1.11
CA LYS A 72 19.54 8.57 -0.12
C LYS A 72 18.90 9.72 -0.86
N HIS A 73 18.41 10.67 -0.09
CA HIS A 73 17.73 11.81 -0.65
C HIS A 73 18.60 13.07 -0.87
N ILE A 74 19.91 12.95 -0.81
CA ILE A 74 20.79 14.12 -1.01
C ILE A 74 20.46 14.84 -2.30
N HIS A 75 20.28 14.12 -3.39
CA HIS A 75 20.01 14.76 -4.65
C HIS A 75 18.57 14.83 -5.08
N ASP A 76 17.65 14.52 -4.21
CA ASP A 76 16.24 14.58 -4.52
C ASP A 76 15.75 15.99 -4.70
N ASN A 77 15.28 16.34 -5.87
CA ASN A 77 14.81 17.68 -6.11
C ASN A 77 13.43 17.98 -5.57
N ALA A 78 12.72 16.96 -5.15
CA ALA A 78 11.37 17.08 -4.74
C ALA A 78 11.17 17.51 -3.28
N GLU A 79 12.25 17.81 -2.61
CA GLU A 79 12.13 18.27 -1.26
C GLU A 79 13.25 19.25 -0.87
N ARG A 80 12.93 20.12 0.11
CA ARG A 80 13.96 21.00 0.74
C ARG A 80 13.72 20.92 2.26
N ARG A 81 14.72 20.52 3.01
CA ARG A 81 14.67 20.41 4.43
C ARG A 81 15.61 21.44 5.07
N PHE A 82 15.08 22.24 5.99
CA PHE A 82 15.80 23.31 6.66
C PHE A 82 15.82 23.21 8.17
N VAL A 83 16.90 23.68 8.74
CA VAL A 83 17.04 23.73 10.17
C VAL A 83 16.90 25.23 10.44
N VAL A 84 16.37 25.57 11.61
CA VAL A 84 16.16 26.93 12.03
C VAL A 84 17.07 27.25 13.21
N GLU A 85 17.78 28.35 13.11
CA GLU A 85 18.66 28.76 14.20
C GLU A 85 18.42 30.21 14.52
N ASP A 86 18.97 30.61 15.66
CA ASP A 86 18.93 32.01 16.06
C ASP A 86 20.35 32.51 15.85
N ALA A 87 20.65 33.67 16.42
CA ALA A 87 21.97 34.31 16.28
C ALA A 87 23.11 33.51 16.93
N GLN A 88 22.89 32.87 18.07
CA GLN A 88 24.00 32.07 18.65
C GLN A 88 24.13 30.71 17.98
N LYS A 89 23.33 30.43 16.96
CA LYS A 89 23.34 29.14 16.28
C LYS A 89 22.67 28.00 17.10
N ASN A 90 21.63 28.35 17.86
CA ASN A 90 20.83 27.35 18.60
C ASN A 90 19.78 26.86 17.64
N LEU A 91 19.55 25.55 17.68
CA LEU A 91 18.62 24.89 16.81
C LEU A 91 17.29 25.12 17.44
N ILE A 92 16.43 25.83 16.74
CA ILE A 92 15.09 26.21 17.17
C ILE A 92 14.01 25.21 16.68
N GLY A 93 14.17 24.73 15.45
CA GLY A 93 13.22 23.82 14.89
C GLY A 93 13.55 23.44 13.48
N LEU A 94 12.52 23.13 12.72
CA LEU A 94 12.66 22.65 11.35
C LEU A 94 11.65 23.12 10.38
N VAL A 95 12.09 23.43 9.16
CA VAL A 95 11.16 23.73 8.08
C VAL A 95 11.33 22.75 6.92
N GLU A 96 10.21 22.29 6.35
CA GLU A 96 10.31 21.39 5.23
C GLU A 96 9.32 21.68 4.12
N LEU A 97 9.79 21.51 2.89
CA LEU A 97 8.95 21.64 1.71
C LEU A 97 9.11 20.28 1.07
N ILE A 98 8.00 19.55 0.91
CA ILE A 98 8.04 18.19 0.32
C ILE A 98 7.03 18.07 -0.79
N GLU A 99 7.17 17.01 -1.57
CA GLU A 99 6.30 16.73 -2.68
C GLU A 99 6.34 17.90 -3.64
N ILE A 100 7.49 18.56 -3.78
CA ILE A 100 7.59 19.63 -4.73
C ILE A 100 7.35 19.03 -6.14
N ASN A 101 6.38 19.60 -6.80
CA ASN A 101 6.04 19.17 -8.11
C ASN A 101 6.29 20.31 -9.05
N TYR A 102 6.94 20.06 -10.15
CA TYR A 102 7.38 21.18 -10.94
C TYR A 102 6.61 21.44 -12.20
N ILE A 103 5.53 20.72 -12.38
CA ILE A 103 4.55 21.09 -13.35
C ILE A 103 3.46 21.88 -12.66
N HIS A 104 2.91 21.31 -11.61
CA HIS A 104 1.87 21.94 -10.85
C HIS A 104 2.42 23.03 -9.91
N ARG A 105 3.71 23.04 -9.68
CA ARG A 105 4.33 24.07 -8.86
C ARG A 105 3.69 24.19 -7.49
N SER A 106 3.48 23.04 -6.87
CA SER A 106 2.94 22.98 -5.51
C SER A 106 3.88 22.24 -4.61
N ALA A 107 3.69 22.42 -3.30
CA ALA A 107 4.45 21.66 -2.30
C ALA A 107 3.75 21.73 -0.95
N GLU A 108 4.04 20.74 -0.11
CA GLU A 108 3.53 20.64 1.25
C GLU A 108 4.56 21.22 2.23
N PHE A 109 4.10 22.05 3.13
CA PHE A 109 4.94 22.69 4.10
C PHE A 109 4.65 22.03 5.41
N GLN A 110 5.70 21.78 6.18
CA GLN A 110 5.61 21.22 7.52
C GLN A 110 6.67 21.93 8.38
N ILE A 111 6.33 22.13 9.64
CA ILE A 111 7.19 22.79 10.61
C ILE A 111 7.11 22.18 11.99
N ILE A 112 8.23 22.20 12.66
CA ILE A 112 8.36 21.78 14.03
C ILE A 112 9.20 22.76 14.84
N ILE A 113 8.68 23.15 15.98
CA ILE A 113 9.46 24.00 16.87
C ILE A 113 9.85 23.12 18.09
N ALA A 114 11.15 22.99 18.38
CA ALA A 114 11.53 22.21 19.57
C ALA A 114 10.68 22.64 20.78
N PRO A 115 10.38 21.71 21.70
CA PRO A 115 9.58 22.03 22.89
C PRO A 115 10.01 23.29 23.63
N GLU A 116 11.29 23.36 23.98
N GLU A 116 11.30 23.38 23.96
CA GLU A 116 11.84 24.51 24.69
CA GLU A 116 11.91 24.53 24.66
C GLU A 116 11.45 25.86 24.03
C GLU A 116 11.45 25.86 24.03
N HIS A 117 11.35 25.89 22.70
CA HIS A 117 10.99 27.13 21.96
C HIS A 117 9.54 27.33 21.54
N GLN A 118 8.65 26.48 22.00
CA GLN A 118 7.25 26.65 21.64
C GLN A 118 6.69 27.79 22.50
N GLY A 119 5.84 28.62 21.89
CA GLY A 119 5.18 29.71 22.60
C GLY A 119 5.92 31.02 22.74
N LYS A 120 6.93 31.22 21.89
CA LYS A 120 7.71 32.44 21.97
C LYS A 120 7.45 33.38 20.81
N GLY A 121 6.53 33.02 19.93
CA GLY A 121 6.23 33.87 18.77
C GLY A 121 7.07 33.61 17.50
N PHE A 122 7.87 32.53 17.49
CA PHE A 122 8.71 32.22 16.34
C PHE A 122 7.85 31.65 15.23
N ALA A 123 6.76 31.00 15.60
CA ALA A 123 5.94 30.36 14.62
C ALA A 123 5.66 31.16 13.34
N ARG A 124 5.12 32.35 13.47
CA ARG A 124 4.74 33.21 12.33
C ARG A 124 5.94 33.64 11.47
N THR A 125 7.08 33.85 12.12
CA THR A 125 8.26 34.29 11.43
C THR A 125 8.65 33.11 10.49
N LEU A 126 8.74 31.91 11.05
CA LEU A 126 9.11 30.73 10.29
C LEU A 126 8.18 30.39 9.16
N ILE A 127 6.88 30.49 9.39
CA ILE A 127 5.93 30.25 8.33
C ILE A 127 6.25 31.30 7.26
N ASN A 128 6.37 32.58 7.63
CA ASN A 128 6.71 33.60 6.64
C ASN A 128 8.01 33.26 5.88
N ARG A 129 9.05 32.85 6.58
CA ARG A 129 10.30 32.50 5.94
C ARG A 129 10.19 31.35 4.94
N ALA A 130 9.37 30.37 5.28
CA ALA A 130 9.16 29.25 4.42
C ALA A 130 8.36 29.71 3.22
N LEU A 131 7.37 30.57 3.43
CA LEU A 131 6.63 31.10 2.29
C LEU A 131 7.54 31.94 1.41
N ASP A 132 8.38 32.76 2.03
CA ASP A 132 9.31 33.53 1.23
C ASP A 132 10.22 32.59 0.37
N TYR A 133 10.73 31.54 0.97
CA TYR A 133 11.59 30.60 0.22
C TYR A 133 10.79 30.06 -0.93
N SER A 134 9.60 29.58 -0.61
CA SER A 134 8.72 28.98 -1.58
C SER A 134 8.35 29.88 -2.74
N PHE A 135 8.03 31.11 -2.39
CA PHE A 135 7.54 32.06 -3.36
C PHE A 135 8.54 33.03 -3.98
N THR A 136 9.62 33.38 -3.29
CA THR A 136 10.61 34.31 -3.88
C THR A 136 11.85 33.58 -4.38
N ILE A 137 11.96 32.28 -4.11
CA ILE A 137 13.12 31.52 -4.58
C ILE A 137 12.80 30.33 -5.49
N LEU A 138 11.89 29.44 -5.08
CA LEU A 138 11.57 28.22 -5.88
C LEU A 138 10.56 28.50 -6.93
N ASN A 139 9.92 29.63 -6.80
CA ASN A 139 8.96 30.06 -7.76
C ASN A 139 7.76 29.13 -7.84
N LEU A 140 7.28 28.65 -6.68
CA LEU A 140 6.07 27.80 -6.62
C LEU A 140 4.80 28.66 -6.67
N HIS A 141 3.72 28.02 -7.07
CA HIS A 141 2.41 28.63 -7.20
C HIS A 141 1.53 28.41 -5.97
N LYS A 142 1.72 27.30 -5.28
CA LYS A 142 0.87 26.90 -4.15
C LYS A 142 1.57 26.12 -3.07
N ILE A 143 1.22 26.45 -1.84
CA ILE A 143 1.75 25.77 -0.68
C ILE A 143 0.53 25.38 0.15
N TYR A 144 0.54 24.13 0.59
CA TYR A 144 -0.54 23.58 1.38
C TYR A 144 0.09 22.87 2.59
N LEU A 145 -0.73 22.65 3.62
CA LEU A 145 -0.30 22.00 4.83
C LEU A 145 -1.47 21.24 5.45
N HIS A 146 -1.17 20.47 6.47
CA HIS A 146 -2.14 19.69 7.18
C HIS A 146 -2.09 19.98 8.65
N VAL A 147 -3.25 20.18 9.25
CA VAL A 147 -3.38 20.43 10.67
C VAL A 147 -4.51 19.69 11.32
N ALA A 148 -4.26 19.19 12.52
CA ALA A 148 -5.27 18.50 13.26
C ALA A 148 -6.41 19.41 13.57
N VAL A 149 -7.60 18.99 13.19
CA VAL A 149 -8.83 19.74 13.47
C VAL A 149 -8.98 19.96 14.96
N GLU A 150 -8.46 19.03 15.75
CA GLU A 150 -8.48 19.10 17.21
C GLU A 150 -7.45 20.10 17.76
N ASN A 151 -6.72 20.79 16.89
CA ASN A 151 -5.83 21.85 17.33
C ASN A 151 -6.34 23.14 16.63
N PRO A 152 -7.51 23.63 17.03
CA PRO A 152 -8.07 24.75 16.34
C PRO A 152 -7.29 26.08 16.52
N LYS A 153 -6.39 26.16 17.51
CA LYS A 153 -5.58 27.37 17.64
C LYS A 153 -4.44 27.37 16.60
N ALA A 154 -4.10 26.19 16.09
CA ALA A 154 -3.08 26.07 15.06
C ALA A 154 -3.76 26.49 13.76
N VAL A 155 -4.98 26.01 13.58
CA VAL A 155 -5.77 26.37 12.44
C VAL A 155 -5.85 27.90 12.32
N HIS A 156 -6.26 28.58 13.39
N HIS A 156 -6.28 28.52 13.43
CA HIS A 156 -6.42 30.04 13.31
CA HIS A 156 -6.43 29.99 13.54
C HIS A 156 -5.12 30.74 12.93
C HIS A 156 -5.19 30.74 13.03
N LEU A 157 -4.03 30.36 13.59
CA LEU A 157 -2.73 30.93 13.30
C LEU A 157 -2.53 30.96 11.79
N TYR A 158 -2.57 29.78 11.20
CA TYR A 158 -2.38 29.65 9.78
C TYR A 158 -3.34 30.52 9.01
N GLU A 159 -4.58 30.65 9.47
CA GLU A 159 -5.52 31.54 8.76
C GLU A 159 -5.02 33.00 8.75
N GLU A 160 -4.43 33.44 9.88
CA GLU A 160 -3.89 34.81 10.04
C GLU A 160 -2.63 34.95 9.22
N CYS A 161 -1.92 33.86 9.00
CA CYS A 161 -0.73 33.93 8.14
C CYS A 161 -1.11 33.83 6.67
N GLY A 162 -2.40 33.83 6.34
CA GLY A 162 -2.82 33.77 4.92
C GLY A 162 -3.37 32.43 4.40
N PHE A 163 -3.14 31.35 5.11
CA PHE A 163 -3.67 30.09 4.61
C PHE A 163 -5.19 30.06 4.74
N VAL A 164 -5.83 29.28 3.87
CA VAL A 164 -7.28 29.10 3.89
C VAL A 164 -7.61 27.61 3.73
N GLU A 165 -8.64 27.13 4.43
CA GLU A 165 -9.10 25.76 4.38
C GLU A 165 -9.61 25.41 3.02
N GLU A 166 -9.06 24.35 2.43
CA GLU A 166 -9.56 23.83 1.16
C GLU A 166 -10.12 22.36 1.36
N GLY A 167 -10.00 21.82 2.56
CA GLY A 167 -10.56 20.49 2.82
C GLY A 167 -10.60 20.12 4.27
N HIS A 168 -11.52 19.21 4.61
CA HIS A 168 -11.66 18.70 5.98
C HIS A 168 -11.63 17.21 5.82
N LEU A 169 -10.45 16.64 5.92
CA LEU A 169 -10.22 15.21 5.67
C LEU A 169 -10.68 14.27 6.77
N VAL A 170 -11.72 13.51 6.49
CA VAL A 170 -12.27 12.69 7.49
C VAL A 170 -11.42 11.47 7.89
N GLU A 171 -11.16 11.35 9.19
CA GLU A 171 -10.39 10.21 9.70
C GLU A 171 -9.20 9.94 8.79
N GLU A 172 -8.42 10.97 8.47
CA GLU A 172 -7.28 10.79 7.59
C GLU A 172 -6.12 10.08 8.27
N PHE A 173 -5.84 10.42 9.53
CA PHE A 173 -4.71 9.85 10.20
C PHE A 173 -4.98 9.18 11.52
N PHE A 174 -4.30 8.06 11.77
CA PHE A 174 -4.46 7.38 13.04
C PHE A 174 -3.36 7.98 13.94
N ILE A 175 -3.77 8.58 15.05
CA ILE A 175 -2.91 9.31 16.00
C ILE A 175 -3.42 9.11 17.43
N ASN A 176 -2.55 8.63 18.29
CA ASN A 176 -2.89 8.40 19.66
C ASN A 176 -4.13 7.55 19.89
N GLY A 177 -4.21 6.41 19.18
CA GLY A 177 -5.28 5.43 19.38
C GLY A 177 -6.61 5.70 18.67
N ARG A 178 -6.61 6.71 17.79
CA ARG A 178 -7.84 7.11 17.11
C ARG A 178 -7.61 7.70 15.79
N TYR A 179 -8.61 7.59 14.92
CA TYR A 179 -8.55 8.26 13.65
C TYR A 179 -8.97 9.73 13.89
N GLN A 180 -8.21 10.69 13.33
CA GLN A 180 -8.45 12.13 13.48
C GLN A 180 -8.63 12.82 12.18
N ASP A 181 -9.47 13.87 12.19
CA ASP A 181 -9.73 14.73 11.03
C ASP A 181 -8.64 15.79 10.95
N VAL A 182 -8.25 16.19 9.73
CA VAL A 182 -7.27 17.29 9.54
C VAL A 182 -7.79 18.24 8.49
N LYS A 183 -7.50 19.55 8.66
CA LYS A 183 -7.82 20.53 7.64
C LYS A 183 -6.68 20.54 6.63
N ARG A 184 -7.00 20.68 5.34
CA ARG A 184 -5.93 20.87 4.38
C ARG A 184 -6.07 22.38 4.11
N MET A 185 -4.97 23.13 4.25
CA MET A 185 -5.00 24.56 4.01
C MET A 185 -3.93 24.95 2.97
N TYR A 186 -4.20 26.02 2.26
CA TYR A 186 -3.36 26.47 1.19
C TYR A 186 -3.25 27.99 1.07
N ILE A 187 -2.22 28.39 0.32
CA ILE A 187 -1.95 29.75 -0.02
C ILE A 187 -1.24 29.75 -1.37
N LEU A 188 -1.58 30.75 -2.17
CA LEU A 188 -1.06 30.93 -3.50
C LEU A 188 0.02 31.98 -3.56
N GLN A 189 0.89 31.85 -4.57
CA GLN A 189 1.98 32.79 -4.73
C GLN A 189 1.45 34.23 -4.87
N SER A 190 0.44 34.40 -5.73
CA SER A 190 -0.13 35.74 -5.98
C SER A 190 -0.48 36.44 -4.66
N LYS A 191 -1.19 35.75 -3.78
CA LYS A 191 -1.55 36.32 -2.50
C LYS A 191 -0.31 36.63 -1.65
N TYR A 192 0.68 35.75 -1.62
CA TYR A 192 1.81 36.04 -0.74
C TYR A 192 2.62 37.23 -1.18
N LEU A 193 2.84 37.33 -2.46
CA LEU A 193 3.64 38.44 -2.98
C LEU A 193 2.94 39.79 -3.11
N ASN A 194 1.61 39.79 -3.16
CA ASN A 194 0.85 41.03 -3.26
C ASN A 194 0.20 41.11 -1.90
N ARG A 195 0.95 41.67 -0.94
CA ARG A 195 0.53 41.73 0.48
C ARG A 195 0.69 43.09 1.19
N ASN B 26 -2.22 -43.58 -4.70
CA ASN B 26 -0.91 -44.03 -4.16
C ASN B 26 0.23 -43.66 -5.15
N SER B 27 0.68 -44.67 -5.90
CA SER B 27 1.75 -44.62 -6.88
C SER B 27 1.76 -43.50 -7.91
N GLN B 28 0.67 -43.36 -8.69
CA GLN B 28 0.64 -42.36 -9.79
C GLN B 28 1.06 -40.97 -9.43
N LEU B 29 0.61 -40.46 -8.27
CA LEU B 29 0.96 -39.09 -7.85
C LEU B 29 2.38 -38.99 -7.36
N THR B 30 3.15 -38.10 -7.97
CA THR B 30 4.53 -37.85 -7.51
C THR B 30 4.72 -36.39 -7.05
N LEU B 31 5.87 -36.17 -6.42
CA LEU B 31 6.23 -34.90 -5.84
C LEU B 31 7.62 -34.61 -6.28
N ARG B 32 7.84 -33.42 -6.81
CA ARG B 32 9.18 -33.02 -7.21
C ARG B 32 9.32 -31.55 -6.88
N ALA B 33 10.54 -31.03 -6.90
CA ALA B 33 10.74 -29.62 -6.53
C ALA B 33 10.14 -28.71 -7.57
N LEU B 34 9.70 -27.56 -7.10
CA LEU B 34 9.17 -26.53 -7.90
C LEU B 34 10.23 -26.05 -8.87
N GLU B 35 9.80 -25.75 -10.10
N GLU B 35 9.86 -25.84 -10.14
CA GLU B 35 10.67 -25.32 -11.14
CA GLU B 35 10.77 -25.26 -11.15
C GLU B 35 10.12 -24.02 -11.77
C GLU B 35 10.17 -23.97 -11.67
N ARG B 36 11.01 -23.23 -12.36
CA ARG B 36 10.67 -21.98 -13.01
C ARG B 36 9.57 -22.19 -14.03
N GLY B 37 9.61 -23.31 -14.74
CA GLY B 37 8.54 -23.65 -15.73
C GLY B 37 7.19 -23.97 -15.09
N ASP B 38 7.14 -24.17 -13.77
CA ASP B 38 5.84 -24.41 -13.14
C ASP B 38 5.19 -23.08 -12.66
N LEU B 39 5.90 -21.97 -12.80
CA LEU B 39 5.42 -20.70 -12.23
C LEU B 39 4.06 -20.17 -12.75
N ARG B 40 3.72 -20.44 -14.01
CA ARG B 40 2.42 -19.96 -14.52
C ARG B 40 1.30 -20.76 -13.82
N PHE B 41 1.56 -22.02 -13.51
CA PHE B 41 0.57 -22.80 -12.78
C PHE B 41 0.36 -22.17 -11.37
N ILE B 42 1.47 -21.90 -10.71
CA ILE B 42 1.44 -21.27 -9.37
C ILE B 42 0.73 -19.91 -9.36
N HIS B 43 1.05 -19.08 -10.33
CA HIS B 43 0.46 -17.76 -10.47
C HIS B 43 -1.02 -17.85 -10.63
N ASN B 44 -1.45 -18.80 -11.44
CA ASN B 44 -2.85 -18.98 -11.71
C ASN B 44 -3.64 -19.31 -10.42
N LEU B 45 -3.06 -20.11 -9.53
CA LEU B 45 -3.79 -20.42 -8.28
C LEU B 45 -3.88 -19.17 -7.39
N ASN B 46 -2.78 -18.42 -7.34
CA ASN B 46 -2.61 -17.18 -6.56
C ASN B 46 -3.58 -16.00 -6.97
N ASN B 47 -4.30 -16.16 -8.08
CA ASN B 47 -5.26 -15.16 -8.55
C ASN B 47 -6.69 -15.58 -8.20
N ASN B 48 -6.85 -16.82 -7.80
CA ASN B 48 -8.13 -17.28 -7.30
C ASN B 48 -8.04 -16.85 -5.86
N ARG B 49 -8.94 -15.95 -5.45
CA ARG B 49 -8.89 -15.48 -4.07
C ARG B 49 -9.37 -16.55 -3.05
N ASN B 50 -10.30 -17.41 -3.48
CA ASN B 50 -10.84 -18.50 -2.65
C ASN B 50 -9.76 -19.55 -2.36
N ILE B 51 -8.88 -19.78 -3.34
CA ILE B 51 -7.72 -20.69 -3.18
C ILE B 51 -6.64 -20.07 -2.24
N MET B 52 -6.39 -18.77 -2.37
CA MET B 52 -5.39 -18.08 -1.55
C MET B 52 -5.85 -17.83 -0.10
N SER B 53 -7.18 -17.84 0.11
CA SER B 53 -7.76 -17.70 1.44
C SER B 53 -7.32 -18.86 2.33
N TYR B 54 -6.94 -19.98 1.73
CA TYR B 54 -6.50 -21.17 2.47
C TYR B 54 -5.08 -20.98 3.04
N TRP B 55 -4.31 -20.09 2.41
CA TRP B 55 -2.93 -19.76 2.78
C TRP B 55 -2.82 -18.41 3.45
N PHE B 56 -4.00 -17.75 3.60
CA PHE B 56 -4.15 -16.43 4.25
C PHE B 56 -3.23 -15.44 3.56
N GLU B 57 -3.04 -15.70 2.27
CA GLU B 57 -2.15 -14.93 1.47
C GLU B 57 -2.99 -14.01 0.62
N GLU B 58 -2.55 -12.75 0.49
CA GLU B 58 -3.25 -11.80 -0.36
C GLU B 58 -3.20 -12.31 -1.81
N PRO B 59 -4.35 -12.47 -2.47
CA PRO B 59 -4.28 -12.96 -3.80
C PRO B 59 -3.75 -11.88 -4.75
N TYR B 60 -3.94 -12.08 -6.05
CA TYR B 60 -3.59 -11.08 -7.06
C TYR B 60 -2.16 -10.46 -6.90
N GLU B 61 -1.16 -11.29 -7.09
CA GLU B 61 0.19 -10.87 -7.08
C GLU B 61 0.73 -11.01 -8.46
N SER B 62 1.64 -10.14 -8.83
CA SER B 62 2.17 -10.14 -10.16
C SER B 62 3.05 -11.32 -10.46
N PHE B 63 3.01 -11.74 -11.71
CA PHE B 63 3.86 -12.84 -12.15
C PHE B 63 5.34 -12.53 -11.88
N ASP B 64 5.72 -11.26 -12.06
CA ASP B 64 7.10 -10.82 -11.88
C ASP B 64 7.55 -10.79 -10.43
N GLU B 65 6.62 -10.53 -9.54
CA GLU B 65 6.91 -10.57 -8.18
C GLU B 65 7.14 -12.01 -7.80
N LEU B 66 6.24 -12.89 -8.24
CA LEU B 66 6.33 -14.33 -7.94
C LEU B 66 7.64 -14.87 -8.47
N GLU B 67 8.02 -14.46 -9.67
CA GLU B 67 9.27 -15.01 -10.32
C GLU B 67 10.51 -14.52 -9.62
N GLU B 68 10.52 -13.23 -9.30
CA GLU B 68 11.67 -12.63 -8.61
C GLU B 68 11.83 -13.13 -7.20
N LEU B 69 10.69 -13.39 -6.53
CA LEU B 69 10.74 -14.01 -5.18
C LEU B 69 11.22 -15.44 -5.36
N TYR B 70 10.78 -16.11 -6.43
CA TYR B 70 11.28 -17.48 -6.65
C TYR B 70 12.82 -17.44 -6.80
N ASN B 71 13.30 -16.52 -7.64
CA ASN B 71 14.76 -16.37 -7.89
C ASN B 71 15.55 -16.12 -6.62
N LYS B 72 14.98 -15.34 -5.75
CA LYS B 72 15.64 -14.96 -4.50
C LYS B 72 15.75 -16.08 -3.48
N HIS B 73 14.79 -16.97 -3.47
CA HIS B 73 14.80 -18.05 -2.52
C HIS B 73 15.38 -19.32 -3.03
N ILE B 74 16.02 -19.27 -4.19
CA ILE B 74 16.51 -20.53 -4.75
C ILE B 74 17.34 -21.35 -3.78
N HIS B 75 18.23 -20.68 -3.04
CA HIS B 75 19.13 -21.43 -2.11
C HIS B 75 18.73 -21.30 -0.67
N ASP B 76 17.54 -20.78 -0.42
CA ASP B 76 17.06 -20.63 0.93
C ASP B 76 16.77 -22.00 1.54
N ASN B 77 17.54 -22.42 2.52
CA ASN B 77 17.38 -23.75 3.08
C ASN B 77 16.21 -23.85 4.01
N ALA B 78 15.54 -22.73 4.27
CA ALA B 78 14.42 -22.70 5.24
C ALA B 78 13.07 -22.99 4.65
N GLU B 79 13.04 -23.39 3.38
CA GLU B 79 11.83 -23.76 2.69
C GLU B 79 12.05 -24.80 1.63
N ARG B 80 11.00 -25.57 1.38
CA ARG B 80 10.98 -26.54 0.30
C ARG B 80 9.62 -26.36 -0.36
N ARG B 81 9.63 -26.12 -1.67
CA ARG B 81 8.40 -25.97 -2.42
C ARG B 81 8.37 -27.08 -3.46
N PHE B 82 7.29 -27.85 -3.40
CA PHE B 82 7.09 -28.94 -4.26
C PHE B 82 5.84 -28.83 -5.06
N VAL B 83 5.90 -29.46 -6.21
CA VAL B 83 4.74 -29.58 -7.08
C VAL B 83 4.31 -31.05 -7.10
N VAL B 84 3.02 -31.24 -7.28
CA VAL B 84 2.40 -32.53 -7.39
C VAL B 84 1.94 -32.79 -8.82
N GLU B 85 2.54 -33.82 -9.43
CA GLU B 85 2.28 -34.25 -10.79
C GLU B 85 1.67 -35.66 -10.79
N ASP B 86 0.77 -35.93 -11.73
CA ASP B 86 0.18 -37.28 -11.87
C ASP B 86 0.99 -38.07 -12.92
N ALA B 87 0.46 -39.21 -13.35
CA ALA B 87 1.13 -40.05 -14.34
C ALA B 87 1.39 -39.36 -15.70
N GLN B 88 0.43 -38.56 -16.16
CA GLN B 88 0.58 -37.83 -17.44
C GLN B 88 1.27 -36.46 -17.32
N LYS B 89 1.84 -36.17 -16.13
CA LYS B 89 2.53 -34.90 -15.84
C LYS B 89 1.64 -33.64 -15.84
N ASN B 90 0.37 -33.84 -15.45
CA ASN B 90 -0.57 -32.75 -15.25
C ASN B 90 -0.33 -32.27 -13.82
N LEU B 91 -0.18 -30.97 -13.63
CA LEU B 91 0.05 -30.38 -12.31
C LEU B 91 -1.22 -30.41 -11.47
N ILE B 92 -1.17 -31.13 -10.36
CA ILE B 92 -2.34 -31.29 -9.54
C ILE B 92 -2.47 -30.19 -8.52
N GLY B 93 -1.38 -29.93 -7.81
CA GLY B 93 -1.38 -28.91 -6.77
C GLY B 93 0.00 -28.64 -6.24
N LEU B 94 0.04 -28.12 -5.03
CA LEU B 94 1.30 -27.75 -4.45
C LEU B 94 1.42 -28.09 -2.98
N VAL B 95 2.61 -28.49 -2.60
CA VAL B 95 2.91 -28.77 -1.21
C VAL B 95 4.15 -28.02 -0.81
N GLU B 96 4.09 -27.30 0.29
CA GLU B 96 5.29 -26.56 0.73
C GLU B 96 5.60 -26.73 2.19
N LEU B 97 6.88 -26.64 2.50
CA LEU B 97 7.34 -26.65 3.90
C LEU B 97 8.08 -25.38 4.07
N ILE B 98 7.64 -24.53 5.02
CA ILE B 98 8.30 -23.24 5.27
C ILE B 98 8.73 -23.04 6.76
N GLU B 99 9.54 -22.01 7.00
CA GLU B 99 10.01 -21.69 8.33
C GLU B 99 10.67 -22.94 8.89
N ILE B 100 11.36 -23.71 8.06
CA ILE B 100 12.01 -24.90 8.56
C ILE B 100 13.10 -24.40 9.52
N ASN B 101 13.09 -24.90 10.74
CA ASN B 101 14.04 -24.50 11.74
C ASN B 101 14.95 -25.64 12.06
N TYR B 102 16.23 -25.44 11.95
CA TYR B 102 17.10 -26.58 12.12
C TYR B 102 17.63 -26.87 13.50
N ILE B 103 17.24 -26.11 14.50
CA ILE B 103 17.53 -26.47 15.86
C ILE B 103 16.33 -27.13 16.47
N HIS B 104 15.18 -26.51 16.27
CA HIS B 104 13.92 -27.00 16.84
C HIS B 104 13.34 -28.09 15.96
N ARG B 105 13.78 -28.12 14.72
N ARG B 105 13.81 -28.21 14.73
CA ARG B 105 13.36 -29.12 13.78
CA ARG B 105 13.35 -29.24 13.79
C ARG B 105 11.86 -29.18 13.69
C ARG B 105 11.88 -29.24 13.43
N SER B 106 11.30 -28.06 13.28
CA SER B 106 9.91 -27.94 13.01
C SER B 106 9.83 -27.17 11.72
N ALA B 107 8.64 -27.24 11.12
CA ALA B 107 8.31 -26.55 9.86
C ALA B 107 6.81 -26.46 9.70
N GLU B 108 6.37 -25.49 8.92
CA GLU B 108 4.98 -25.31 8.61
C GLU B 108 4.72 -25.86 7.23
N PHE B 109 3.63 -26.59 7.15
CA PHE B 109 3.13 -27.32 6.00
C PHE B 109 1.98 -26.58 5.41
N GLN B 110 2.00 -26.45 4.08
CA GLN B 110 0.91 -25.85 3.29
C GLN B 110 0.66 -26.70 2.04
N ILE B 111 -0.61 -26.77 1.66
CA ILE B 111 -1.02 -27.56 0.54
C ILE B 111 -2.16 -26.93 -0.20
N ILE B 112 -2.02 -26.95 -1.52
CA ILE B 112 -3.05 -26.49 -2.41
C ILE B 112 -3.28 -27.47 -3.54
N ILE B 113 -4.53 -27.83 -3.71
CA ILE B 113 -4.93 -28.71 -4.78
C ILE B 113 -5.74 -27.85 -5.73
N ALA B 114 -5.25 -27.65 -6.95
CA ALA B 114 -6.02 -26.94 -8.00
C ALA B 114 -7.49 -27.35 -7.96
N PRO B 115 -8.44 -26.42 -8.23
CA PRO B 115 -9.90 -26.70 -8.17
C PRO B 115 -10.41 -27.79 -9.10
N GLU B 116 -9.80 -27.91 -10.28
CA GLU B 116 -10.18 -28.94 -11.23
C GLU B 116 -9.72 -30.32 -10.76
N HIS B 117 -9.01 -30.43 -9.62
CA HIS B 117 -8.58 -31.77 -9.13
C HIS B 117 -9.02 -32.09 -7.69
N GLN B 118 -9.91 -31.24 -7.14
CA GLN B 118 -10.42 -31.44 -5.78
C GLN B 118 -11.59 -32.38 -5.90
N GLY B 119 -11.92 -33.09 -4.83
CA GLY B 119 -13.04 -34.04 -4.90
C GLY B 119 -12.65 -35.37 -5.53
N LYS B 120 -11.41 -35.45 -6.02
CA LYS B 120 -10.82 -36.66 -6.57
C LYS B 120 -10.19 -37.47 -5.44
N GLY B 121 -10.29 -37.03 -4.18
CA GLY B 121 -9.70 -37.75 -3.04
C GLY B 121 -8.17 -37.75 -2.96
N PHE B 122 -7.50 -36.77 -3.59
CA PHE B 122 -6.01 -36.69 -3.58
C PHE B 122 -5.40 -35.94 -2.38
N ALA B 123 -6.19 -35.29 -1.54
CA ALA B 123 -5.60 -34.51 -0.43
C ALA B 123 -4.83 -35.39 0.49
N ARG B 124 -5.46 -36.49 0.87
CA ARG B 124 -4.92 -37.47 1.80
C ARG B 124 -3.54 -37.97 1.36
N THR B 125 -3.45 -38.36 0.09
CA THR B 125 -2.20 -38.88 -0.45
C THR B 125 -1.07 -37.83 -0.42
N LEU B 126 -1.44 -36.55 -0.61
CA LEU B 126 -0.49 -35.45 -0.63
C LEU B 126 -0.04 -35.10 0.78
N ILE B 127 -0.94 -35.20 1.73
CA ILE B 127 -0.57 -34.93 3.07
C ILE B 127 0.41 -36.01 3.50
N ASN B 128 0.01 -37.27 3.35
CA ASN B 128 0.89 -38.40 3.70
C ASN B 128 2.28 -38.24 3.00
N ARG B 129 2.30 -37.79 1.76
CA ARG B 129 3.54 -37.58 1.00
C ARG B 129 4.42 -36.44 1.62
N ALA B 130 3.77 -35.39 2.10
CA ALA B 130 4.47 -34.24 2.74
C ALA B 130 5.04 -34.68 4.09
N LEU B 131 4.29 -35.48 4.81
CA LEU B 131 4.78 -36.02 6.05
C LEU B 131 5.92 -37.03 5.82
N ASP B 132 5.79 -37.89 4.85
CA ASP B 132 6.86 -38.81 4.56
C ASP B 132 8.19 -38.03 4.29
N TYR B 133 8.08 -36.98 3.50
CA TYR B 133 9.24 -36.18 3.17
C TYR B 133 9.82 -35.51 4.40
N SER B 134 8.96 -34.88 5.20
CA SER B 134 9.42 -34.17 6.40
C SER B 134 10.11 -35.07 7.40
N PHE B 135 9.52 -36.25 7.58
CA PHE B 135 10.00 -37.16 8.61
C PHE B 135 10.99 -38.24 8.19
N THR B 136 10.97 -38.71 6.94
CA THR B 136 11.91 -39.74 6.52
C THR B 136 13.06 -39.18 5.72
N ILE B 137 13.01 -37.93 5.30
CA ILE B 137 14.14 -37.39 4.55
C ILE B 137 14.77 -36.18 5.20
N LEU B 138 13.92 -35.29 5.68
CA LEU B 138 14.39 -34.03 6.18
C LEU B 138 14.69 -34.17 7.65
N ASN B 139 14.19 -35.25 8.22
CA ASN B 139 14.45 -35.57 9.57
C ASN B 139 13.94 -34.50 10.54
N LEU B 140 12.77 -33.97 10.28
CA LEU B 140 12.16 -32.99 11.17
C LEU B 140 11.43 -33.73 12.28
N HIS B 141 11.18 -33.03 13.35
CA HIS B 141 10.53 -33.55 14.54
C HIS B 141 9.07 -33.18 14.60
N LYS B 142 8.73 -32.00 14.10
CA LYS B 142 7.33 -31.49 14.18
C LYS B 142 6.85 -30.76 12.96
N ILE B 143 5.65 -31.08 12.52
CA ILE B 143 5.07 -30.39 11.41
C ILE B 143 3.77 -29.81 11.92
N TYR B 144 3.55 -28.52 11.61
CA TYR B 144 2.32 -27.86 11.98
C TYR B 144 1.75 -27.14 10.79
N LEU B 145 0.46 -26.82 10.93
CA LEU B 145 -0.27 -26.06 9.94
C LEU B 145 -1.40 -25.25 10.60
N HIS B 146 -1.90 -24.31 9.82
CA HIS B 146 -3.02 -23.49 10.17
C HIS B 146 -4.21 -23.74 9.25
N VAL B 147 -5.40 -23.83 9.83
CA VAL B 147 -6.63 -23.99 9.10
C VAL B 147 -7.73 -23.14 9.63
N ALA B 148 -8.40 -22.44 8.75
CA ALA B 148 -9.55 -21.68 9.16
C ALA B 148 -10.53 -22.55 9.88
N VAL B 149 -10.97 -22.08 11.01
CA VAL B 149 -12.03 -22.74 11.77
C VAL B 149 -13.32 -22.91 10.95
N GLU B 150 -13.56 -21.98 10.04
CA GLU B 150 -14.74 -22.03 9.18
C GLU B 150 -14.65 -23.07 8.08
N ASN B 151 -13.59 -23.86 8.11
CA ASN B 151 -13.33 -24.93 7.13
C ASN B 151 -13.24 -26.28 7.86
N PRO B 152 -14.29 -26.65 8.63
CA PRO B 152 -14.26 -27.88 9.41
C PRO B 152 -14.04 -29.16 8.63
N LYS B 153 -14.20 -29.12 7.31
CA LYS B 153 -13.98 -30.34 6.54
C LYS B 153 -12.49 -30.56 6.50
N ALA B 154 -11.76 -29.49 6.24
CA ALA B 154 -10.32 -29.57 6.19
C ALA B 154 -9.73 -29.98 7.54
N VAL B 155 -10.18 -29.35 8.61
CA VAL B 155 -9.74 -29.70 9.95
C VAL B 155 -9.89 -31.23 10.13
N HIS B 156 -11.03 -31.74 9.69
CA HIS B 156 -11.35 -33.15 9.90
C HIS B 156 -10.43 -34.06 9.13
N LEU B 157 -10.08 -33.65 7.92
CA LEU B 157 -9.16 -34.42 7.11
C LEU B 157 -7.78 -34.47 7.79
N TYR B 158 -7.34 -33.34 8.34
CA TYR B 158 -6.07 -33.27 9.02
C TYR B 158 -6.12 -34.13 10.27
N GLU B 159 -7.26 -34.13 10.97
CA GLU B 159 -7.40 -35.00 12.15
C GLU B 159 -7.22 -36.47 11.77
N GLU B 160 -7.78 -36.92 10.65
CA GLU B 160 -7.64 -38.34 10.20
C GLU B 160 -6.22 -38.72 9.82
N CYS B 161 -5.48 -37.73 9.33
CA CYS B 161 -4.08 -37.94 8.98
C CYS B 161 -3.15 -37.86 10.19
N GLY B 162 -3.74 -37.75 11.39
CA GLY B 162 -2.98 -37.72 12.64
C GLY B 162 -2.64 -36.36 13.25
N PHE B 163 -3.02 -35.26 12.63
CA PHE B 163 -2.80 -33.93 13.22
C PHE B 163 -3.78 -33.71 14.39
N VAL B 164 -3.29 -33.00 15.42
CA VAL B 164 -4.06 -32.66 16.62
C VAL B 164 -4.02 -31.14 16.78
N GLU B 165 -5.12 -30.55 17.22
CA GLU B 165 -5.20 -29.16 17.46
C GLU B 165 -4.33 -28.81 18.64
N GLU B 166 -3.46 -27.81 18.48
CA GLU B 166 -2.66 -27.34 19.63
C GLU B 166 -2.98 -25.85 19.94
N GLY B 167 -3.73 -25.21 19.05
CA GLY B 167 -4.11 -23.80 19.23
C GLY B 167 -5.34 -23.39 18.46
N HIS B 168 -6.10 -22.45 19.02
CA HIS B 168 -7.30 -21.90 18.35
C HIS B 168 -6.99 -20.43 18.40
N LEU B 169 -6.44 -19.96 17.30
CA LEU B 169 -5.90 -18.60 17.24
C LEU B 169 -7.00 -17.63 16.97
N VAL B 170 -7.18 -16.68 17.89
CA VAL B 170 -8.30 -15.74 17.83
C VAL B 170 -8.15 -14.55 16.90
N GLU B 171 -9.02 -14.43 15.90
CA GLU B 171 -8.94 -13.26 15.00
C GLU B 171 -7.50 -13.09 14.47
N GLU B 172 -6.87 -14.19 14.06
CA GLU B 172 -5.50 -14.17 13.55
C GLU B 172 -5.43 -13.56 12.16
N PHE B 173 -6.40 -13.81 11.31
CA PHE B 173 -6.29 -13.30 9.95
C PHE B 173 -7.51 -12.55 9.49
N PHE B 174 -7.31 -11.54 8.64
CA PHE B 174 -8.35 -10.75 8.06
C PHE B 174 -8.62 -11.39 6.69
N ILE B 175 -9.77 -12.04 6.61
CA ILE B 175 -10.21 -12.76 5.42
C ILE B 175 -11.62 -12.39 5.06
N ASN B 176 -11.82 -12.05 3.79
CA ASN B 176 -13.13 -11.69 3.26
C ASN B 176 -13.88 -10.77 4.20
N GLY B 177 -13.21 -9.70 4.60
CA GLY B 177 -13.85 -8.61 5.32
C GLY B 177 -13.99 -8.71 6.80
N ARG B 178 -13.35 -9.71 7.41
CA ARG B 178 -13.46 -9.80 8.87
C ARG B 178 -12.41 -10.69 9.41
N TYR B 179 -12.11 -10.50 10.68
CA TYR B 179 -11.14 -11.29 11.31
C TYR B 179 -11.69 -12.70 11.59
N GLN B 180 -10.90 -13.71 11.29
CA GLN B 180 -11.28 -15.09 11.54
C GLN B 180 -10.30 -15.81 12.44
N ASP B 181 -10.79 -16.89 13.05
CA ASP B 181 -10.00 -17.74 13.93
C ASP B 181 -9.41 -18.86 13.08
N VAL B 182 -8.24 -19.39 13.43
CA VAL B 182 -7.72 -20.56 12.70
C VAL B 182 -7.28 -21.58 13.68
N LYS B 183 -7.22 -22.82 13.26
CA LYS B 183 -6.67 -23.83 14.11
C LYS B 183 -5.21 -24.03 13.79
N ARG B 184 -4.41 -24.20 14.81
CA ARG B 184 -3.08 -24.67 14.62
C ARG B 184 -3.00 -26.13 15.01
N MET B 185 -2.50 -26.94 14.12
CA MET B 185 -2.46 -28.36 14.31
C MET B 185 -1.10 -28.94 13.99
N TYR B 186 -0.74 -30.03 14.64
CA TYR B 186 0.60 -30.56 14.49
C TYR B 186 0.65 -32.07 14.59
N ILE B 187 1.77 -32.61 14.13
CA ILE B 187 2.09 -34.03 14.26
C ILE B 187 3.61 -34.12 14.48
N LEU B 188 4.01 -35.06 15.31
CA LEU B 188 5.41 -35.32 15.60
C LEU B 188 5.98 -36.48 14.83
N GLN B 189 7.31 -36.45 14.67
CA GLN B 189 8.00 -37.48 13.92
C GLN B 189 7.77 -38.84 14.55
N SER B 190 7.95 -38.92 15.87
CA SER B 190 7.77 -40.16 16.62
C SER B 190 6.40 -40.77 16.32
N LYS B 191 5.34 -39.97 16.35
CA LYS B 191 4.03 -40.51 16.03
C LYS B 191 3.92 -41.00 14.56
N TYR B 192 4.44 -40.22 13.62
CA TYR B 192 4.36 -40.65 12.21
C TYR B 192 5.18 -41.92 11.93
N LEU B 193 6.40 -42.01 12.44
CA LEU B 193 7.23 -43.20 12.22
C LEU B 193 6.89 -44.49 12.99
N ASN B 194 6.10 -44.42 14.06
CA ASN B 194 5.78 -45.65 14.83
C ASN B 194 4.48 -46.32 14.37
N ASN C 26 -21.13 -6.98 -18.51
CA ASN C 26 -21.82 -6.93 -17.18
C ASN C 26 -20.92 -7.47 -16.04
N SER C 27 -21.20 -8.70 -15.62
CA SER C 27 -20.50 -9.40 -14.51
C SER C 27 -19.23 -10.13 -14.94
N GLN C 28 -19.00 -10.21 -16.25
CA GLN C 28 -17.88 -11.00 -16.86
C GLN C 28 -16.47 -10.39 -16.76
N LEU C 29 -16.32 -9.34 -15.96
CA LEU C 29 -15.03 -8.69 -15.80
C LEU C 29 -14.13 -9.37 -14.78
N THR C 30 -12.82 -9.39 -15.02
CA THR C 30 -11.88 -10.02 -14.08
C THR C 30 -10.65 -9.18 -13.78
N LEU C 31 -10.29 -9.11 -12.50
CA LEU C 31 -9.09 -8.39 -12.07
C LEU C 31 -7.91 -9.29 -11.79
N ARG C 32 -6.76 -8.81 -12.25
CA ARG C 32 -5.50 -9.46 -11.97
C ARG C 32 -4.40 -8.40 -11.90
N ALA C 33 -3.30 -8.76 -11.30
CA ALA C 33 -2.23 -7.80 -11.16
C ALA C 33 -1.63 -7.55 -12.54
N LEU C 34 -1.19 -6.32 -12.72
CA LEU C 34 -0.47 -5.88 -13.91
C LEU C 34 0.79 -6.70 -14.01
N GLU C 35 1.20 -7.01 -15.23
CA GLU C 35 2.45 -7.72 -15.36
C GLU C 35 3.14 -7.18 -16.61
N ARG C 36 4.42 -7.52 -16.80
CA ARG C 36 5.23 -6.95 -17.89
C ARG C 36 4.59 -6.94 -19.24
N GLY C 37 3.93 -8.04 -19.59
CA GLY C 37 3.30 -8.19 -20.88
C GLY C 37 2.10 -7.32 -21.09
N ASP C 38 1.65 -6.57 -20.08
CA ASP C 38 0.50 -5.66 -20.23
C ASP C 38 1.01 -4.23 -20.54
N LEU C 39 2.30 -4.05 -20.48
CA LEU C 39 2.88 -2.70 -20.59
C LEU C 39 2.69 -1.93 -21.90
N ARG C 40 2.54 -2.61 -23.05
CA ARG C 40 2.27 -1.91 -24.31
C ARG C 40 0.91 -1.23 -24.21
N PHE C 41 -0.03 -1.91 -23.56
CA PHE C 41 -1.36 -1.34 -23.33
C PHE C 41 -1.24 -0.11 -22.38
N ILE C 42 -0.51 -0.25 -21.26
CA ILE C 42 -0.34 0.86 -20.32
C ILE C 42 0.31 2.05 -21.05
N HIS C 43 1.37 1.77 -21.80
CA HIS C 43 2.11 2.76 -22.56
C HIS C 43 1.22 3.52 -23.47
N ASN C 44 0.29 2.82 -24.11
CA ASN C 44 -0.59 3.43 -25.04
C ASN C 44 -1.41 4.46 -24.28
N LEU C 45 -1.96 4.07 -23.12
CA LEU C 45 -2.78 5.01 -22.34
C LEU C 45 -1.92 6.16 -21.75
N ASN C 46 -0.70 5.84 -21.35
CA ASN C 46 0.18 6.85 -20.74
C ASN C 46 0.65 7.94 -21.72
N ASN C 47 0.36 7.77 -23.01
CA ASN C 47 0.78 8.74 -24.03
C ASN C 47 -0.45 9.37 -24.65
N ASN C 48 -1.60 9.13 -24.02
CA ASN C 48 -2.89 9.67 -24.52
C ASN C 48 -3.22 10.86 -23.62
N ARG C 49 -3.30 12.02 -24.25
CA ARG C 49 -3.49 13.27 -23.54
C ARG C 49 -4.78 13.33 -22.74
N ASN C 50 -5.87 12.93 -23.40
CA ASN C 50 -7.23 12.93 -22.84
C ASN C 50 -7.29 11.96 -21.66
N ILE C 51 -6.89 10.72 -21.88
CA ILE C 51 -6.88 9.74 -20.78
C ILE C 51 -6.08 10.25 -19.59
N MET C 52 -4.85 10.72 -19.80
CA MET C 52 -4.00 11.16 -18.68
C MET C 52 -4.47 12.44 -17.96
N SER C 53 -5.15 13.34 -18.64
CA SER C 53 -5.68 14.50 -17.94
C SER C 53 -6.59 14.09 -16.72
N TYR C 54 -7.28 12.96 -16.77
CA TYR C 54 -8.15 12.51 -15.65
C TYR C 54 -7.31 12.06 -14.44
N TRP C 55 -6.03 11.78 -14.68
CA TRP C 55 -5.06 11.38 -13.65
C TRP C 55 -4.07 12.48 -13.31
N PHE C 56 -4.27 13.64 -13.92
CA PHE C 56 -3.45 14.82 -13.66
C PHE C 56 -2.01 14.51 -13.91
N GLU C 57 -1.76 13.73 -14.95
CA GLU C 57 -0.39 13.26 -15.22
C GLU C 57 0.03 13.78 -16.58
N GLU C 58 1.33 14.02 -16.71
CA GLU C 58 1.88 14.49 -17.96
C GLU C 58 1.82 13.31 -18.94
N PRO C 59 1.24 13.51 -20.15
CA PRO C 59 1.09 12.44 -21.17
C PRO C 59 2.32 12.21 -22.08
N TYR C 60 3.44 11.81 -21.48
CA TYR C 60 4.65 11.52 -22.20
C TYR C 60 5.37 10.43 -21.36
N GLU C 61 5.65 9.27 -21.94
CA GLU C 61 6.43 8.29 -21.26
C GLU C 61 6.97 7.30 -22.30
N SER C 62 8.27 7.31 -22.47
CA SER C 62 8.82 6.37 -23.37
C SER C 62 8.53 4.97 -22.77
N PHE C 63 8.51 3.96 -23.64
CA PHE C 63 8.27 2.62 -23.12
C PHE C 63 9.31 2.28 -22.06
N ASP C 64 10.53 2.77 -22.26
CA ASP C 64 11.64 2.47 -21.37
C ASP C 64 11.53 3.04 -19.97
N GLU C 65 10.95 4.21 -19.88
CA GLU C 65 10.75 4.85 -18.59
C GLU C 65 9.70 4.03 -17.89
N LEU C 66 8.62 3.72 -18.59
CA LEU C 66 7.55 2.91 -17.99
C LEU C 66 8.02 1.57 -17.47
N GLU C 67 8.79 0.85 -18.28
CA GLU C 67 9.27 -0.51 -17.90
C GLU C 67 10.25 -0.46 -16.78
N GLU C 68 11.14 0.52 -16.85
CA GLU C 68 12.14 0.68 -15.79
C GLU C 68 11.50 0.98 -14.45
N LEU C 69 10.50 1.85 -14.43
CA LEU C 69 9.78 2.17 -13.20
C LEU C 69 8.96 0.99 -12.78
N TYR C 70 8.32 0.30 -13.73
CA TYR C 70 7.54 -0.91 -13.41
C TYR C 70 8.46 -1.86 -12.65
N ASN C 71 9.60 -2.11 -13.24
CA ASN C 71 10.57 -3.06 -12.66
C ASN C 71 10.97 -2.66 -11.31
N LYS C 72 11.12 -1.38 -11.12
CA LYS C 72 11.58 -0.87 -9.82
C LYS C 72 10.55 -0.98 -8.70
N HIS C 73 9.30 -0.97 -9.09
CA HIS C 73 8.28 -1.01 -8.08
C HIS C 73 7.68 -2.34 -7.84
N ILE C 74 8.25 -3.35 -8.48
CA ILE C 74 7.66 -4.68 -8.39
C ILE C 74 7.35 -5.10 -6.98
N HIS C 75 8.30 -4.88 -6.04
CA HIS C 75 8.11 -5.31 -4.64
C HIS C 75 7.69 -4.17 -3.74
N ASP C 76 7.27 -3.09 -4.35
CA ASP C 76 6.83 -1.99 -3.59
C ASP C 76 5.41 -2.19 -3.05
N ASN C 77 5.35 -2.30 -1.72
CA ASN C 77 4.11 -2.50 -1.01
C ASN C 77 3.14 -1.34 -0.93
N ALA C 78 3.62 -0.12 -1.21
CA ALA C 78 2.80 1.07 -1.14
C ALA C 78 1.85 1.20 -2.34
N GLU C 79 1.84 0.25 -3.27
CA GLU C 79 0.95 0.29 -4.43
C GLU C 79 0.40 -1.06 -4.89
N ARG C 80 -0.74 -1.03 -5.57
CA ARG C 80 -1.27 -2.20 -6.23
C ARG C 80 -1.79 -1.73 -7.57
N ARG C 81 -1.40 -2.39 -8.63
CA ARG C 81 -1.87 -2.02 -9.95
C ARG C 81 -2.62 -3.17 -10.59
N PHE C 82 -3.89 -2.99 -10.89
CA PHE C 82 -4.64 -4.06 -11.50
C PHE C 82 -5.12 -3.76 -12.89
N VAL C 83 -5.15 -4.79 -13.69
CA VAL C 83 -5.67 -4.70 -15.06
C VAL C 83 -7.05 -5.36 -15.02
N VAL C 84 -7.93 -4.90 -15.90
CA VAL C 84 -9.28 -5.44 -16.06
C VAL C 84 -9.41 -6.07 -17.42
N GLU C 85 -9.80 -7.35 -17.45
CA GLU C 85 -9.97 -8.14 -18.66
C GLU C 85 -11.39 -8.67 -18.75
N ASP C 86 -11.87 -8.92 -19.96
CA ASP C 86 -13.22 -9.48 -20.14
C ASP C 86 -13.02 -10.95 -20.42
N ALA C 87 -14.11 -11.69 -20.53
CA ALA C 87 -14.08 -13.14 -20.76
C ALA C 87 -13.12 -13.63 -21.85
N GLN C 88 -13.02 -12.88 -22.96
CA GLN C 88 -12.12 -13.24 -24.06
C GLN C 88 -10.74 -12.54 -23.95
N LYS C 89 -10.45 -11.97 -22.77
CA LYS C 89 -9.16 -11.32 -22.46
C LYS C 89 -8.78 -9.97 -23.13
N ASN C 90 -9.78 -9.18 -23.53
CA ASN C 90 -9.51 -7.85 -24.08
C ASN C 90 -9.18 -6.99 -22.86
N LEU C 91 -8.15 -6.14 -22.95
CA LEU C 91 -7.81 -5.26 -21.82
C LEU C 91 -8.69 -4.03 -21.89
N ILE C 92 -9.52 -3.91 -20.86
CA ILE C 92 -10.56 -2.89 -20.69
C ILE C 92 -10.15 -1.61 -19.98
N GLY C 93 -9.43 -1.77 -18.89
CA GLY C 93 -9.01 -0.65 -18.08
C GLY C 93 -8.00 -1.01 -17.01
N LEU C 94 -7.79 -0.07 -16.12
CA LEU C 94 -6.83 -0.23 -15.06
C LEU C 94 -7.41 0.35 -13.78
N VAL C 95 -7.20 -0.37 -12.70
CA VAL C 95 -7.59 0.04 -11.38
C VAL C 95 -6.32 0.04 -10.58
N GLU C 96 -6.02 1.16 -9.92
CA GLU C 96 -4.85 1.23 -9.06
C GLU C 96 -5.10 1.83 -7.71
N LEU C 97 -4.29 1.43 -6.76
CA LEU C 97 -4.31 2.02 -5.42
C LEU C 97 -2.91 2.41 -5.15
N ILE C 98 -2.67 3.65 -4.72
CA ILE C 98 -1.34 4.13 -4.42
C ILE C 98 -1.28 4.88 -3.12
N GLU C 99 -0.05 5.09 -2.65
CA GLU C 99 0.22 5.77 -1.42
C GLU C 99 -0.40 5.01 -0.29
N ILE C 100 -0.34 3.68 -0.39
CA ILE C 100 -0.88 2.84 0.59
C ILE C 100 -0.04 3.02 1.84
N ASN C 101 -0.70 3.47 2.92
CA ASN C 101 -0.01 3.71 4.18
C ASN C 101 -0.43 2.64 5.19
N TYR C 102 0.62 2.03 5.73
N TYR C 102 0.47 1.86 5.73
CA TYR C 102 0.63 0.91 6.66
CA TYR C 102 -0.06 0.83 6.60
C TYR C 102 0.07 1.19 8.07
C TYR C 102 -0.33 1.22 8.04
N ILE C 103 -0.04 2.47 8.42
CA ILE C 103 -0.46 2.89 9.74
C ILE C 103 -1.86 3.49 9.66
N HIS C 104 -2.00 4.44 8.76
CA HIS C 104 -3.24 5.18 8.62
C HIS C 104 -4.24 4.34 7.84
N ARG C 105 -3.71 3.33 7.14
CA ARG C 105 -4.51 2.37 6.42
C ARG C 105 -5.36 3.09 5.38
N SER C 106 -4.71 3.95 4.62
CA SER C 106 -5.39 4.65 3.57
C SER C 106 -4.67 4.48 2.28
N ALA C 107 -5.40 4.80 1.18
CA ALA C 107 -4.82 4.76 -0.18
C ALA C 107 -5.59 5.58 -1.12
N GLU C 108 -4.89 6.01 -2.17
CA GLU C 108 -5.55 6.77 -3.22
C GLU C 108 -5.90 5.79 -4.32
N PHE C 109 -7.14 5.86 -4.78
CA PHE C 109 -7.73 5.04 -5.84
C PHE C 109 -7.77 5.85 -7.11
N GLN C 110 -7.45 5.24 -8.24
CA GLN C 110 -7.53 5.92 -9.52
C GLN C 110 -7.88 4.84 -10.51
N ILE C 111 -8.67 5.22 -11.53
CA ILE C 111 -9.16 4.30 -12.53
C ILE C 111 -9.17 4.87 -13.92
N ILE C 112 -8.96 4.01 -14.88
CA ILE C 112 -8.97 4.37 -16.27
C ILE C 112 -9.67 3.30 -17.06
N ILE C 113 -10.55 3.70 -17.98
CA ILE C 113 -11.18 2.74 -18.84
C ILE C 113 -10.73 3.13 -20.23
N ALA C 114 -10.18 2.19 -21.00
CA ALA C 114 -9.75 2.48 -22.37
C ALA C 114 -10.91 3.14 -23.11
N PRO C 115 -10.62 4.12 -23.99
CA PRO C 115 -11.66 4.88 -24.68
C PRO C 115 -12.61 4.04 -25.55
N GLU C 116 -12.11 3.00 -26.20
CA GLU C 116 -12.95 2.17 -27.06
C GLU C 116 -13.98 1.44 -26.23
N HIS C 117 -13.68 1.23 -24.94
CA HIS C 117 -14.59 0.54 -24.02
C HIS C 117 -15.33 1.44 -23.06
N GLN C 118 -15.21 2.76 -23.21
CA GLN C 118 -15.89 3.69 -22.30
C GLN C 118 -17.40 3.70 -22.54
N GLY C 119 -18.12 4.47 -21.73
CA GLY C 119 -19.55 4.57 -21.87
C GLY C 119 -20.24 3.25 -22.12
N LYS C 120 -19.81 2.19 -21.43
CA LYS C 120 -20.45 0.87 -21.54
C LYS C 120 -20.92 0.37 -20.19
N GLY C 121 -21.00 1.28 -19.22
CA GLY C 121 -21.45 0.97 -17.87
C GLY C 121 -20.51 0.14 -17.02
N PHE C 122 -19.21 0.13 -17.36
CA PHE C 122 -18.24 -0.67 -16.62
C PHE C 122 -17.69 0.02 -15.39
N ALA C 123 -17.79 1.33 -15.34
CA ALA C 123 -17.22 2.11 -14.25
C ALA C 123 -17.61 1.65 -12.88
N ARG C 124 -18.90 1.62 -12.67
CA ARG C 124 -19.49 1.21 -11.40
C ARG C 124 -19.01 -0.16 -10.95
N THR C 125 -19.06 -1.09 -11.89
CA THR C 125 -18.65 -2.46 -11.65
C THR C 125 -17.19 -2.52 -11.12
N LEU C 126 -16.31 -1.74 -11.73
CA LEU C 126 -14.89 -1.71 -11.40
C LEU C 126 -14.59 -0.92 -10.14
N ILE C 127 -15.28 0.19 -9.98
CA ILE C 127 -15.16 0.94 -8.76
C ILE C 127 -15.57 -0.02 -7.64
N ASN C 128 -16.64 -0.80 -7.83
CA ASN C 128 -17.00 -1.68 -6.74
C ASN C 128 -16.00 -2.80 -6.48
N ARG C 129 -15.34 -3.31 -7.52
CA ARG C 129 -14.32 -4.34 -7.36
C ARG C 129 -13.11 -3.82 -6.57
N ALA C 130 -12.78 -2.56 -6.79
CA ALA C 130 -11.69 -1.88 -6.13
C ALA C 130 -12.04 -1.63 -4.67
N LEU C 131 -13.28 -1.23 -4.44
CA LEU C 131 -13.69 -1.05 -3.06
C LEU C 131 -13.68 -2.40 -2.36
N ASP C 132 -14.21 -3.43 -3.01
CA ASP C 132 -14.28 -4.75 -2.39
C ASP C 132 -12.86 -5.28 -2.07
N TYR C 133 -11.89 -4.95 -2.92
CA TYR C 133 -10.56 -5.40 -2.70
C TYR C 133 -9.93 -4.63 -1.54
N SER C 134 -10.07 -3.33 -1.58
CA SER C 134 -9.47 -2.50 -0.60
C SER C 134 -9.98 -2.81 0.79
N PHE C 135 -11.26 -3.07 0.91
CA PHE C 135 -11.84 -3.25 2.20
C PHE C 135 -12.06 -4.67 2.68
N THR C 136 -12.23 -5.64 1.79
CA THR C 136 -12.41 -7.00 2.23
C THR C 136 -11.14 -7.82 2.09
N ILE C 137 -10.10 -7.31 1.43
CA ILE C 137 -8.87 -8.10 1.33
C ILE C 137 -7.65 -7.44 1.98
N LEU C 138 -7.51 -6.19 1.64
CA LEU C 138 -6.35 -5.43 2.04
C LEU C 138 -6.54 -4.79 3.41
N ASN C 139 -7.79 -4.75 3.87
CA ASN C 139 -8.12 -4.29 5.17
C ASN C 139 -7.74 -2.82 5.35
N LEU C 140 -8.10 -1.98 4.38
CA LEU C 140 -7.83 -0.57 4.53
C LEU C 140 -9.03 0.03 5.18
N HIS C 141 -8.79 1.18 5.73
CA HIS C 141 -9.78 1.91 6.46
C HIS C 141 -10.33 2.98 5.57
N LYS C 142 -9.53 3.49 4.64
CA LYS C 142 -10.01 4.64 3.85
C LYS C 142 -9.47 4.74 2.48
N ILE C 143 -10.36 5.01 1.52
CA ILE C 143 -9.96 5.20 0.16
C ILE C 143 -10.43 6.59 -0.29
N TYR C 144 -9.56 7.32 -1.00
CA TYR C 144 -9.90 8.62 -1.49
C TYR C 144 -9.48 8.74 -2.95
N LEU C 145 -10.01 9.76 -3.65
CA LEU C 145 -9.63 10.02 -5.02
C LEU C 145 -9.72 11.49 -5.25
N HIS C 146 -9.17 11.92 -6.37
CA HIS C 146 -9.28 13.29 -6.80
C HIS C 146 -9.99 13.29 -8.14
N VAL C 147 -10.88 14.26 -8.35
CA VAL C 147 -11.62 14.36 -9.60
C VAL C 147 -11.67 15.82 -9.95
N ALA C 148 -11.43 16.17 -11.23
CA ALA C 148 -11.53 17.57 -11.65
C ALA C 148 -12.93 18.11 -11.34
N VAL C 149 -13.02 19.36 -10.88
CA VAL C 149 -14.32 19.96 -10.63
C VAL C 149 -15.06 20.07 -11.94
N GLU C 150 -14.32 20.37 -12.99
CA GLU C 150 -14.94 20.51 -14.30
C GLU C 150 -15.38 19.18 -14.89
N ASN C 151 -15.28 18.12 -14.08
CA ASN C 151 -15.75 16.81 -14.49
C ASN C 151 -16.90 16.36 -13.58
N PRO C 152 -18.01 17.14 -13.57
CA PRO C 152 -19.17 16.82 -12.70
C PRO C 152 -19.83 15.46 -12.90
N LYS C 153 -19.66 14.84 -14.07
CA LYS C 153 -20.30 13.54 -14.32
C LYS C 153 -19.59 12.50 -13.49
N ALA C 154 -18.27 12.61 -13.42
CA ALA C 154 -17.52 11.68 -12.63
C ALA C 154 -17.75 11.90 -11.11
N VAL C 155 -17.80 13.16 -10.69
CA VAL C 155 -18.08 13.47 -9.31
C VAL C 155 -19.36 12.74 -8.88
N HIS C 156 -20.41 12.97 -9.65
CA HIS C 156 -21.72 12.36 -9.44
C HIS C 156 -21.63 10.83 -9.37
N LEU C 157 -20.97 10.24 -10.37
CA LEU C 157 -20.79 8.80 -10.41
C LEU C 157 -20.14 8.31 -9.14
N TYR C 158 -19.11 9.01 -8.72
CA TYR C 158 -18.43 8.60 -7.53
C TYR C 158 -19.33 8.71 -6.29
N GLU C 159 -20.16 9.74 -6.23
CA GLU C 159 -21.07 9.97 -5.09
C GLU C 159 -22.05 8.84 -4.98
N GLU C 160 -22.57 8.44 -6.12
CA GLU C 160 -23.51 7.35 -6.20
C GLU C 160 -22.83 6.07 -5.78
N CYS C 161 -21.52 5.98 -5.96
CA CYS C 161 -20.80 4.81 -5.53
C CYS C 161 -20.38 4.95 -4.07
N GLY C 162 -20.96 5.93 -3.37
CA GLY C 162 -20.70 6.11 -1.92
C GLY C 162 -19.57 7.04 -1.46
N PHE C 163 -18.78 7.54 -2.39
CA PHE C 163 -17.75 8.50 -2.05
C PHE C 163 -18.38 9.84 -1.65
N VAL C 164 -17.69 10.53 -0.76
CA VAL C 164 -18.15 11.82 -0.32
C VAL C 164 -17.04 12.89 -0.39
N GLU C 165 -17.40 14.07 -0.90
CA GLU C 165 -16.50 15.18 -0.96
C GLU C 165 -15.95 15.55 0.45
N GLU C 166 -14.62 15.51 0.62
CA GLU C 166 -13.96 15.97 1.86
C GLU C 166 -13.02 17.23 1.56
N GLY C 167 -13.03 17.74 0.36
CA GLY C 167 -12.17 18.90 0.03
C GLY C 167 -12.36 19.34 -1.39
N HIS C 168 -12.12 20.64 -1.60
CA HIS C 168 -12.21 21.28 -2.90
C HIS C 168 -10.85 21.98 -2.99
N LEU C 169 -9.89 21.33 -3.63
CA LEU C 169 -8.51 21.82 -3.69
C LEU C 169 -8.43 22.87 -4.76
N VAL C 170 -7.97 24.06 -4.38
CA VAL C 170 -7.97 25.19 -5.29
C VAL C 170 -6.71 25.31 -6.13
N GLU C 171 -6.92 25.33 -7.43
CA GLU C 171 -5.81 25.51 -8.35
C GLU C 171 -4.70 24.51 -8.03
N GLU C 172 -5.10 23.25 -7.84
CA GLU C 172 -4.16 22.20 -7.44
C GLU C 172 -3.29 21.70 -8.60
N PHE C 173 -3.88 21.59 -9.78
CA PHE C 173 -3.19 21.07 -10.91
C PHE C 173 -3.31 21.99 -12.12
N PHE C 174 -2.23 22.05 -12.86
CA PHE C 174 -2.13 22.78 -14.07
C PHE C 174 -2.53 21.79 -15.13
N ILE C 175 -3.68 22.02 -15.76
CA ILE C 175 -4.17 21.12 -16.79
C ILE C 175 -4.64 21.88 -17.96
N ASN C 176 -4.20 21.42 -19.12
CA ASN C 176 -4.56 22.05 -20.40
C ASN C 176 -4.59 23.56 -20.40
N GLY C 177 -3.50 24.14 -19.88
CA GLY C 177 -3.26 25.58 -19.91
C GLY C 177 -3.63 26.43 -18.74
N ARG C 178 -4.18 25.83 -17.70
CA ARG C 178 -4.58 26.64 -16.56
C ARG C 178 -4.68 25.82 -15.35
N TYR C 179 -4.67 26.50 -14.21
CA TYR C 179 -4.77 25.88 -12.91
C TYR C 179 -6.23 25.47 -12.61
N GLN C 180 -6.45 24.23 -12.17
CA GLN C 180 -7.81 23.75 -11.88
C GLN C 180 -7.96 23.17 -10.52
N ASP C 181 -9.21 23.23 -10.08
CA ASP C 181 -9.68 22.72 -8.79
C ASP C 181 -10.08 21.28 -8.97
N VAL C 182 -9.91 20.51 -7.91
CA VAL C 182 -10.29 19.11 -7.92
C VAL C 182 -11.03 18.83 -6.65
N LYS C 183 -11.98 17.91 -6.70
CA LYS C 183 -12.62 17.41 -5.48
C LYS C 183 -11.76 16.27 -4.94
N ARG C 184 -11.57 16.19 -3.62
CA ARG C 184 -10.97 15.03 -2.98
C ARG C 184 -12.21 14.37 -2.40
N MET C 185 -12.43 13.09 -2.70
CA MET C 185 -13.57 12.34 -2.19
C MET C 185 -13.07 11.09 -1.54
N TYR C 186 -13.84 10.57 -0.59
CA TYR C 186 -13.40 9.41 0.14
C TYR C 186 -14.54 8.53 0.60
N ILE C 187 -14.17 7.32 1.01
CA ILE C 187 -15.11 6.35 1.57
C ILE C 187 -14.44 5.51 2.64
N LEU C 188 -15.17 5.27 3.75
CA LEU C 188 -14.60 4.46 4.84
C LEU C 188 -15.02 3.00 4.77
N GLN C 189 -14.11 2.15 5.25
CA GLN C 189 -14.34 0.72 5.29
C GLN C 189 -15.56 0.41 6.12
N SER C 190 -15.76 1.09 7.23
CA SER C 190 -16.91 0.74 8.12
C SER C 190 -18.22 1.05 7.41
N LYS C 191 -18.27 2.19 6.77
CA LYS C 191 -19.42 2.56 6.02
C LYS C 191 -19.66 1.53 4.93
N TYR C 192 -18.65 1.24 4.13
CA TYR C 192 -18.83 0.28 3.01
C TYR C 192 -19.25 -1.10 3.45
N LEU C 193 -18.59 -1.64 4.45
CA LEU C 193 -18.90 -2.99 4.89
C LEU C 193 -20.25 -3.15 5.55
N ASN C 194 -20.65 -2.14 6.29
CA ASN C 194 -21.81 -2.22 7.13
C ASN C 194 -23.09 -1.59 6.62
N ARG C 195 -23.07 -1.02 5.42
CA ARG C 195 -24.18 -0.19 4.95
C ARG C 195 -25.54 -0.89 5.01
N SER C 196 -25.59 -2.09 4.46
CA SER C 196 -26.79 -2.86 4.34
C SER C 196 -27.25 -3.52 5.64
N GLU C 197 -26.52 -3.32 6.72
CA GLU C 197 -26.79 -3.99 8.02
C GLU C 197 -27.74 -3.22 8.91
N1 SPD D . 8.87 7.58 10.33
C2 SPD D . 9.56 6.46 9.72
C3 SPD D . 9.53 5.28 10.67
C4 SPD D . 9.54 3.95 9.91
C5 SPD D . 10.18 2.85 10.75
N6 SPD D . 10.98 1.96 9.94
C7 SPD D . 11.30 0.62 10.41
C8 SPD D . 12.59 0.58 11.21
C9 SPD D . 12.80 -0.79 11.83
N10 SPD D . 13.47 -1.66 10.88
N1 SPD E . 1.23 -12.56 -1.99
C2 SPD E . 2.06 -11.39 -1.78
C3 SPD E . 1.32 -10.16 -2.34
C4 SPD E . 2.09 -8.91 -1.98
C5 SPD E . 2.14 -7.91 -3.12
N6 SPD E . 3.23 -6.95 -2.93
C7 SPD E . 3.11 -5.62 -3.55
C8 SPD E . 3.38 -5.68 -5.04
C9 SPD E . 3.08 -4.41 -5.81
N10 SPD E . 4.28 -3.69 -6.09
N1 SPD F . 4.40 10.43 -15.99
C2 SPD F . 5.84 10.48 -16.16
C3 SPD F . 6.18 11.35 -17.36
C4 SPD F . 7.44 12.18 -17.08
C5 SPD F . 8.35 12.21 -18.30
N6 SPD F . 9.72 11.90 -17.96
C7 SPD F . 10.81 12.52 -18.69
C8 SPD F . 11.78 11.50 -19.25
C9 SPD F . 12.55 12.07 -20.44
N10 SPD F . 13.97 11.93 -20.20
#